data_8UHK
#
_entry.id   8UHK
#
_cell.length_a   91.211
_cell.length_b   100.013
_cell.length_c   54.875
_cell.angle_alpha   90.000
_cell.angle_beta   106.961
_cell.angle_gamma   90.000
#
_symmetry.space_group_name_H-M   'C 1 2 1'
#
loop_
_entity.id
_entity.type
_entity.pdbx_description
1 polymer "DNA (5'-D(*AP*AP*AP*AP*TP*AP*AP*AP*AP*GP*GP*AP*AP*GP*TP*G)-3')"
2 polymer "DNA (5'-D(*TP*CP*AP*CP*TP*TP*CP*CP*TP*TP*TP*TP*AP*TP*TP*T)-3')"
3 polymer 'Transcription factor PU.1'
#
loop_
_entity_poly.entity_id
_entity_poly.type
_entity_poly.pdbx_seq_one_letter_code
_entity_poly.pdbx_strand_id
1 'polydeoxyribonucleotide' (DA)(DA)(DA)(DA)(DT)(DA)(DA)(DA)(DA)(DG)(DG)(DA)(DA)(DG)(DT)(DG) A,C
2 'polydeoxyribonucleotide' (DT)(DC)(DA)(DC)(DT)(DT)(DC)(DC)(DT)(DT)(DT)(DT)(DA)(DT)(DT)(DT) B,D
3 'polypeptide(L)'
;GSKKKIRLYQFLLDLLRSGDMKDSIWWVDKDKGTFQFSSKHKEALAHRWGIQKGNRKKMTYQKMARALRNYGKTGEVKKV
KKKLTYQFSGEVLGRGGLAERRHPPH
;
E,F
#
loop_
_chem_comp.id
_chem_comp.type
_chem_comp.name
_chem_comp.formula
DA DNA linking 2'-DEOXYADENOSINE-5'-MONOPHOSPHATE 'C10 H14 N5 O6 P'
DC DNA linking 2'-DEOXYCYTIDINE-5'-MONOPHOSPHATE 'C9 H14 N3 O7 P'
DG DNA linking 2'-DEOXYGUANOSINE-5'-MONOPHOSPHATE 'C10 H14 N5 O7 P'
DT DNA linking THYMIDINE-5'-MONOPHOSPHATE 'C10 H15 N2 O8 P'
#
# COMPACT_ATOMS: atom_id res chain seq x y z
N LYS E 5 6.46 29.61 -9.39
CA LYS E 5 5.14 29.12 -9.79
C LYS E 5 4.58 28.14 -8.76
N ILE E 6 3.35 27.72 -8.97
CA ILE E 6 2.63 26.88 -8.01
C ILE E 6 2.84 25.42 -8.34
N ARG E 7 3.09 24.62 -7.31
CA ARG E 7 3.19 23.17 -7.42
C ARG E 7 1.85 22.54 -7.04
N LEU E 8 1.66 21.30 -7.51
CA LEU E 8 0.36 20.65 -7.36
C LEU E 8 -0.02 20.50 -5.90
N TYR E 9 0.90 20.01 -5.06
CA TYR E 9 0.56 19.79 -3.66
C TYR E 9 0.14 21.08 -2.98
N GLN E 10 0.69 22.22 -3.41
CA GLN E 10 0.26 23.50 -2.86
C GLN E 10 -1.15 23.86 -3.32
N PHE E 11 -1.54 23.45 -4.53
CA PHE E 11 -2.88 23.73 -5.01
C PHE E 11 -3.94 22.98 -4.20
N LEU E 12 -3.66 21.73 -3.83
CA LEU E 12 -4.60 20.98 -3.01
C LEU E 12 -4.62 21.52 -1.59
N LEU E 13 -3.45 21.64 -0.95
CA LEU E 13 -3.38 22.16 0.40
C LEU E 13 -4.10 23.51 0.52
N ASP E 14 -4.05 24.33 -0.53
CA ASP E 14 -4.71 25.63 -0.48
C ASP E 14 -6.23 25.48 -0.53
N LEU E 15 -6.73 24.65 -1.43
CA LEU E 15 -8.18 24.40 -1.48
C LEU E 15 -8.68 23.86 -0.14
N LEU E 16 -7.96 22.88 0.43
CA LEU E 16 -8.37 22.31 1.70
C LEU E 16 -8.47 23.39 2.78
N ARG E 17 -7.42 24.18 2.95
CA ARG E 17 -7.44 25.28 3.90
C ARG E 17 -8.36 26.41 3.49
N SER E 18 -8.98 26.32 2.30
CA SER E 18 -9.90 27.34 1.82
C SER E 18 -11.37 26.95 1.93
N GLY E 19 -11.68 25.65 1.95
CA GLY E 19 -13.06 25.25 1.77
C GLY E 19 -13.57 25.56 0.39
N ASP E 20 -12.68 25.69 -0.58
CA ASP E 20 -13.06 26.21 -1.90
C ASP E 20 -13.94 25.22 -2.65
N MET E 21 -13.62 23.93 -2.60
CA MET E 21 -14.40 22.89 -3.27
C MET E 21 -14.76 21.80 -2.25
N LYS E 22 -15.44 22.21 -1.18
CA LYS E 22 -15.89 21.25 -0.17
C LYS E 22 -16.67 20.09 -0.78
N ASP E 23 -17.27 20.29 -1.96
CA ASP E 23 -18.03 19.22 -2.59
C ASP E 23 -17.14 18.11 -3.15
N SER E 24 -15.89 18.42 -3.49
CA SER E 24 -15.02 17.49 -4.18
C SER E 24 -13.86 16.95 -3.36
N ILE E 25 -13.45 17.65 -2.30
CA ILE E 25 -12.30 17.23 -1.50
C ILE E 25 -12.46 17.75 -0.09
N TRP E 26 -12.09 16.91 0.89
CA TRP E 26 -12.25 17.26 2.29
C TRP E 26 -11.19 16.56 3.13
N TRP E 27 -10.85 17.20 4.26
CA TRP E 27 -9.93 16.62 5.23
C TRP E 27 -10.51 15.34 5.83
N VAL E 28 -9.61 14.42 6.17
CA VAL E 28 -9.94 13.24 6.97
C VAL E 28 -9.37 13.34 8.37
N ASP E 29 -8.13 13.85 8.51
CA ASP E 29 -7.49 14.04 9.81
C ASP E 29 -6.56 15.25 9.69
N LYS E 30 -7.12 16.44 9.87
CA LYS E 30 -6.34 17.67 9.79
C LYS E 30 -5.06 17.58 10.60
N ASP E 31 -5.09 16.86 11.72
CA ASP E 31 -3.88 16.63 12.50
C ASP E 31 -2.85 15.88 11.68
N LYS E 32 -3.12 14.60 11.39
CA LYS E 32 -2.16 13.78 10.65
C LYS E 32 -2.03 14.19 9.20
N GLY E 33 -2.90 15.07 8.71
CA GLY E 33 -2.75 15.61 7.36
C GLY E 33 -3.29 14.76 6.24
N THR E 34 -4.35 13.99 6.49
CA THR E 34 -4.94 13.13 5.47
C THR E 34 -6.14 13.82 4.82
N PHE E 35 -6.34 13.53 3.52
CA PHE E 35 -7.42 14.13 2.77
C PHE E 35 -7.92 13.12 1.73
N GLN E 36 -9.10 13.41 1.18
CA GLN E 36 -9.80 12.46 0.32
C GLN E 36 -10.56 13.22 -0.76
N PHE E 37 -10.77 12.55 -1.89
CA PHE E 37 -11.51 13.10 -3.02
C PHE E 37 -12.88 12.46 -3.13
N SER E 38 -13.82 13.20 -3.73
CA SER E 38 -15.13 12.65 -4.06
C SER E 38 -15.05 11.86 -5.35
N SER E 39 -15.56 10.63 -5.33
CA SER E 39 -15.58 9.83 -6.54
C SER E 39 -16.44 10.47 -7.63
N LYS E 40 -17.47 11.23 -7.23
CA LYS E 40 -18.37 11.84 -8.21
C LYS E 40 -17.78 13.14 -8.74
N HIS E 41 -17.27 13.98 -7.85
CA HIS E 41 -16.93 15.36 -8.17
C HIS E 41 -15.42 15.57 -8.31
N LYS E 42 -14.64 14.50 -8.51
CA LYS E 42 -13.20 14.68 -8.68
C LYS E 42 -12.89 15.34 -10.01
N GLU E 43 -13.61 14.96 -11.07
CA GLU E 43 -13.33 15.50 -12.39
C GLU E 43 -13.51 17.01 -12.42
N ALA E 44 -14.36 17.55 -11.55
CA ALA E 44 -14.54 18.99 -11.49
C ALA E 44 -13.32 19.66 -10.85
N LEU E 45 -12.74 19.03 -9.83
CA LEU E 45 -11.53 19.56 -9.22
C LEU E 45 -10.34 19.42 -10.16
N ALA E 46 -10.21 18.25 -10.79
CA ALA E 46 -9.15 18.05 -11.78
C ALA E 46 -9.24 19.08 -12.90
N HIS E 47 -10.46 19.44 -13.31
CA HIS E 47 -10.64 20.39 -14.39
C HIS E 47 -10.02 21.73 -14.06
N ARG E 48 -10.24 22.22 -12.83
CA ARG E 48 -9.68 23.51 -12.45
CA ARG E 48 -9.67 23.51 -12.45
C ARG E 48 -8.15 23.47 -12.44
N TRP E 49 -7.57 22.38 -11.94
CA TRP E 49 -6.12 22.26 -11.93
C TRP E 49 -5.56 22.42 -13.35
N GLY E 50 -6.08 21.62 -14.29
CA GLY E 50 -5.69 21.81 -15.68
C GLY E 50 -5.95 23.21 -16.19
N ILE E 51 -7.02 23.85 -15.71
CA ILE E 51 -7.33 25.20 -16.14
C ILE E 51 -6.41 26.21 -15.46
N GLN E 52 -6.06 25.97 -14.20
CA GLN E 52 -5.15 26.89 -13.51
C GLN E 52 -3.72 26.77 -14.01
N LYS E 53 -3.37 25.64 -14.65
CA LYS E 53 -2.05 25.45 -15.22
C LYS E 53 -1.97 25.88 -16.68
N GLY E 54 -3.09 25.89 -17.38
CA GLY E 54 -3.07 26.22 -18.80
C GLY E 54 -2.64 25.07 -19.68
N ASN E 55 -3.02 23.85 -19.33
CA ASN E 55 -2.57 22.68 -20.07
C ASN E 55 -3.13 22.67 -21.48
N ARG E 56 -2.46 21.94 -22.36
CA ARG E 56 -2.89 21.88 -23.76
C ARG E 56 -4.20 21.13 -23.91
N LYS E 57 -4.46 20.16 -23.03
CA LYS E 57 -5.73 19.45 -23.01
C LYS E 57 -6.34 19.56 -21.61
N LYS E 58 -7.64 19.33 -21.54
CA LYS E 58 -8.34 19.46 -20.27
C LYS E 58 -7.97 18.28 -19.37
N MET E 59 -7.82 18.57 -18.08
CA MET E 59 -7.23 17.61 -17.15
C MET E 59 -8.28 16.63 -16.63
N THR E 60 -7.89 15.36 -16.60
CA THR E 60 -8.70 14.29 -16.02
C THR E 60 -8.06 13.84 -14.72
N TYR E 61 -8.83 13.11 -13.91
CA TYR E 61 -8.28 12.60 -12.66
C TYR E 61 -7.18 11.58 -12.92
N GLN E 62 -7.43 10.65 -13.86
CA GLN E 62 -6.43 9.62 -14.15
C GLN E 62 -5.07 10.25 -14.40
N LYS E 63 -5.05 11.40 -15.08
CA LYS E 63 -3.79 12.09 -15.34
C LYS E 63 -3.31 12.86 -14.11
N MET E 64 -4.22 13.56 -13.42
CA MET E 64 -3.83 14.24 -12.19
C MET E 64 -3.28 13.24 -11.17
N ALA E 65 -3.96 12.11 -11.02
CA ALA E 65 -3.46 11.07 -10.11
C ALA E 65 -2.08 10.61 -10.53
N ARG E 66 -1.79 10.60 -11.83
CA ARG E 66 -0.45 10.26 -12.30
C ARG E 66 0.57 11.25 -11.75
N ALA E 67 0.26 12.54 -11.84
CA ALA E 67 1.15 13.56 -11.29
C ALA E 67 1.35 13.41 -9.80
N LEU E 68 0.41 12.77 -9.09
CA LEU E 68 0.54 12.62 -7.64
C LEU E 68 1.52 11.51 -7.28
N ARG E 69 1.55 10.44 -8.06
CA ARG E 69 2.40 9.29 -7.73
C ARG E 69 3.88 9.63 -7.82
N ASN E 70 4.26 10.69 -8.52
CA ASN E 70 5.67 11.10 -8.53
C ASN E 70 6.11 11.60 -7.17
N TYR E 71 5.21 12.25 -6.41
CA TYR E 71 5.55 12.69 -5.06
C TYR E 71 5.90 11.53 -4.14
N GLY E 72 5.53 10.30 -4.51
CA GLY E 72 5.82 9.16 -3.65
C GLY E 72 7.30 9.03 -3.32
N LYS E 73 8.16 9.35 -4.28
CA LYS E 73 9.60 9.19 -4.09
C LYS E 73 10.18 10.31 -3.23
N THR E 74 9.76 11.56 -3.46
CA THR E 74 10.31 12.69 -2.74
C THR E 74 9.65 12.91 -1.38
N GLY E 75 8.48 12.31 -1.14
CA GLY E 75 7.89 12.30 0.18
C GLY E 75 6.77 13.32 0.40
N GLU E 76 6.57 14.26 -0.53
CA GLU E 76 5.58 15.29 -0.30
C GLU E 76 4.19 14.69 -0.06
N VAL E 77 3.80 13.71 -0.87
CA VAL E 77 2.46 13.14 -0.80
C VAL E 77 2.53 11.65 -1.13
N LYS E 78 2.14 10.81 -0.17
CA LYS E 78 2.15 9.37 -0.34
C LYS E 78 0.73 8.83 -0.46
N LYS E 79 0.56 7.84 -1.31
CA LYS E 79 -0.75 7.20 -1.45
C LYS E 79 -1.15 6.51 -0.15
N VAL E 80 -2.44 6.53 0.12
CA VAL E 80 -3.02 5.78 1.24
C VAL E 80 -3.83 4.63 0.68
N LYS E 81 -3.87 3.53 1.42
CA LYS E 81 -4.58 2.33 0.99
C LYS E 81 -6.05 2.40 1.41
N LYS E 82 -6.71 3.44 0.91
CA LYS E 82 -8.12 3.68 1.13
C LYS E 82 -8.63 4.47 -0.06
N LYS E 83 -9.85 4.19 -0.49
CA LYS E 83 -10.33 4.71 -1.76
C LYS E 83 -10.19 6.22 -1.83
N LEU E 84 -9.47 6.69 -2.85
CA LEU E 84 -9.33 8.12 -3.14
C LEU E 84 -8.76 8.89 -1.95
N THR E 85 -7.76 8.32 -1.30
CA THR E 85 -7.16 8.91 -0.10
C THR E 85 -5.67 9.13 -0.31
N TYR E 86 -5.19 10.27 0.16
CA TYR E 86 -3.78 10.63 0.14
C TYR E 86 -3.45 11.34 1.44
N GLN E 87 -2.17 11.59 1.66
CA GLN E 87 -1.71 12.23 2.89
C GLN E 87 -0.57 13.18 2.58
N PHE E 88 -0.66 14.40 3.08
CA PHE E 88 0.47 15.33 3.02
C PHE E 88 1.50 14.93 4.06
N SER E 89 2.76 15.12 3.72
CA SER E 89 3.81 14.94 4.72
C SER E 89 3.78 16.11 5.69
N GLY E 90 4.26 15.87 6.90
CA GLY E 90 4.32 16.94 7.88
C GLY E 90 5.02 18.17 7.34
N GLU E 91 6.07 17.96 6.53
CA GLU E 91 6.83 19.09 6.00
C GLU E 91 5.96 20.04 5.20
N VAL E 92 4.92 19.54 4.53
CA VAL E 92 4.06 20.42 3.76
C VAL E 92 3.11 21.18 4.67
N LEU E 93 2.67 20.57 5.77
CA LEU E 93 1.75 21.19 6.71
C LEU E 93 2.51 21.90 7.82
N GLY E 94 3.47 21.21 8.43
CA GLY E 94 4.27 21.75 9.51
C GLY E 94 5.46 20.88 9.83
N ARG E 95 5.61 20.47 11.09
CA ARG E 95 6.67 19.51 11.44
C ARG E 95 6.29 18.75 12.71
N LYS F 5 20.60 -10.80 0.26
CA LYS F 5 19.98 -11.77 1.15
C LYS F 5 18.55 -12.08 0.70
N ILE F 6 17.92 -13.04 1.37
CA ILE F 6 16.60 -13.54 1.00
C ILE F 6 15.52 -12.75 1.71
N ARG F 7 14.45 -12.43 0.99
CA ARG F 7 13.29 -11.78 1.58
C ARG F 7 12.25 -12.82 1.99
N LEU F 8 11.39 -12.44 2.94
CA LEU F 8 10.48 -13.40 3.55
C LEU F 8 9.55 -14.04 2.52
N TYR F 9 8.92 -13.23 1.67
CA TYR F 9 7.98 -13.81 0.71
C TYR F 9 8.65 -14.81 -0.22
N GLN F 10 9.93 -14.59 -0.54
CA GLN F 10 10.65 -15.57 -1.36
C GLN F 10 10.90 -16.84 -0.58
N PHE F 11 11.08 -16.74 0.74
CA PHE F 11 11.23 -17.93 1.55
C PHE F 11 9.92 -18.72 1.59
N LEU F 12 8.80 -18.00 1.63
CA LEU F 12 7.49 -18.67 1.62
C LEU F 12 7.19 -19.24 0.24
N LEU F 13 7.27 -18.42 -0.81
CA LEU F 13 7.00 -18.89 -2.16
C LEU F 13 7.82 -20.12 -2.51
N ASP F 14 9.05 -20.20 -2.02
CA ASP F 14 9.90 -21.35 -2.34
C ASP F 14 9.38 -22.60 -1.66
N LEU F 15 9.03 -22.51 -0.38
CA LEU F 15 8.47 -23.66 0.32
C LEU F 15 7.22 -24.18 -0.39
N LEU F 16 6.32 -23.26 -0.78
CA LEU F 16 5.10 -23.67 -1.46
C LEU F 16 5.40 -24.47 -2.72
N ARG F 17 6.22 -23.90 -3.61
CA ARG F 17 6.62 -24.58 -4.83
C ARG F 17 7.59 -25.74 -4.56
N SER F 18 7.99 -25.95 -3.31
CA SER F 18 8.89 -27.02 -2.94
C SER F 18 8.20 -28.21 -2.30
N GLY F 19 7.04 -28.01 -1.67
CA GLY F 19 6.47 -29.03 -0.83
C GLY F 19 7.30 -29.32 0.40
N ASP F 20 8.15 -28.37 0.81
CA ASP F 20 9.11 -28.63 1.86
C ASP F 20 8.43 -28.77 3.21
N MET F 21 7.43 -27.93 3.49
CA MET F 21 6.68 -27.97 4.73
C MET F 21 5.18 -28.06 4.42
N LYS F 22 4.82 -29.08 3.65
CA LYS F 22 3.41 -29.28 3.33
C LYS F 22 2.55 -29.35 4.58
N ASP F 23 3.16 -29.74 5.72
CA ASP F 23 2.40 -29.83 6.96
C ASP F 23 2.11 -28.46 7.55
N SER F 24 2.93 -27.46 7.23
CA SER F 24 2.83 -26.15 7.87
C SER F 24 2.32 -25.05 6.94
N ILE F 25 2.44 -25.22 5.63
CA ILE F 25 1.98 -24.23 4.67
C ILE F 25 1.66 -24.95 3.37
N TRP F 26 0.56 -24.56 2.74
CA TRP F 26 0.12 -25.21 1.52
C TRP F 26 -0.64 -24.21 0.67
N TRP F 27 -0.63 -24.42 -0.64
CA TRP F 27 -1.42 -23.58 -1.52
C TRP F 27 -2.90 -23.73 -1.18
N VAL F 28 -3.64 -22.64 -1.37
CA VAL F 28 -5.09 -22.64 -1.34
C VAL F 28 -5.68 -22.52 -2.74
N ASP F 29 -5.03 -21.70 -3.58
CA ASP F 29 -5.39 -21.56 -4.99
C ASP F 29 -4.07 -21.19 -5.70
N LYS F 30 -3.30 -22.23 -6.03
CA LYS F 30 -2.03 -22.01 -6.71
C LYS F 30 -2.18 -21.04 -7.88
N ASP F 31 -3.35 -21.06 -8.52
CA ASP F 31 -3.68 -20.09 -9.55
C ASP F 31 -3.67 -18.67 -9.01
N LYS F 32 -4.65 -18.37 -8.15
CA LYS F 32 -4.81 -17.01 -7.62
C LYS F 32 -3.68 -16.61 -6.68
N GLY F 33 -2.80 -17.52 -6.31
CA GLY F 33 -1.65 -17.16 -5.51
C GLY F 33 -1.95 -17.08 -4.02
N THR F 34 -2.92 -17.84 -3.54
CA THR F 34 -3.30 -17.84 -2.14
C THR F 34 -2.64 -19.00 -1.41
N PHE F 35 -2.29 -18.77 -0.14
CA PHE F 35 -1.66 -19.80 0.67
C PHE F 35 -2.10 -19.62 2.12
N GLN F 36 -1.90 -20.67 2.91
CA GLN F 36 -2.44 -20.72 4.26
C GLN F 36 -1.48 -21.49 5.16
N PHE F 37 -1.53 -21.19 6.45
CA PHE F 37 -0.69 -21.83 7.46
C PHE F 37 -1.51 -22.81 8.28
N SER F 38 -0.82 -23.81 8.85
CA SER F 38 -1.45 -24.72 9.81
C SER F 38 -1.50 -24.06 11.17
N SER F 39 -2.68 -24.08 11.80
CA SER F 39 -2.80 -23.50 13.13
C SER F 39 -1.91 -24.22 14.15
N LYS F 40 -1.69 -25.52 13.96
CA LYS F 40 -0.90 -26.30 14.90
C LYS F 40 0.59 -26.19 14.62
N HIS F 41 0.99 -26.35 13.35
CA HIS F 41 2.39 -26.55 12.98
C HIS F 41 3.02 -25.30 12.38
N LYS F 42 2.41 -24.13 12.56
CA LYS F 42 2.99 -22.90 12.01
C LYS F 42 4.25 -22.48 12.74
N GLU F 43 4.28 -22.65 14.06
CA GLU F 43 5.44 -22.18 14.83
C GLU F 43 6.73 -22.83 14.38
N ALA F 44 6.65 -24.04 13.81
CA ALA F 44 7.87 -24.70 13.34
C ALA F 44 8.45 -24.01 12.11
N LEU F 45 7.59 -23.51 11.23
CA LEU F 45 8.08 -22.77 10.06
C LEU F 45 8.64 -21.42 10.48
N ALA F 46 7.97 -20.73 11.40
CA ALA F 46 8.51 -19.47 11.90
C ALA F 46 9.90 -19.67 12.50
N HIS F 47 10.11 -20.79 13.20
CA HIS F 47 11.40 -21.04 13.81
C HIS F 47 12.50 -21.14 12.75
N ARG F 48 12.22 -21.83 11.65
CA ARG F 48 13.21 -21.98 10.58
CA ARG F 48 13.22 -21.98 10.59
C ARG F 48 13.59 -20.63 9.98
N TRP F 49 12.58 -19.86 9.56
CA TRP F 49 12.84 -18.55 8.97
C TRP F 49 13.79 -17.74 9.85
N GLY F 50 13.47 -17.61 11.13
CA GLY F 50 14.38 -16.94 12.05
C GLY F 50 15.75 -17.56 12.06
N ILE F 51 15.83 -18.87 11.86
CA ILE F 51 17.13 -19.55 11.85
C ILE F 51 17.89 -19.26 10.56
N GLN F 52 17.18 -19.10 9.44
CA GLN F 52 17.84 -18.76 8.19
C GLN F 52 18.34 -17.31 8.19
N LYS F 53 17.79 -16.46 9.05
CA LYS F 53 18.21 -15.07 9.12
C LYS F 53 19.29 -14.81 10.14
N GLY F 54 19.42 -15.65 11.16
CA GLY F 54 20.40 -15.43 12.21
C GLY F 54 19.98 -14.38 13.22
N ASN F 55 18.69 -14.29 13.52
CA ASN F 55 18.18 -13.27 14.42
C ASN F 55 18.66 -13.49 15.85
N ARG F 56 18.61 -12.42 16.65
CA ARG F 56 19.07 -12.48 18.04
C ARG F 56 18.15 -13.34 18.91
N LYS F 57 16.87 -13.43 18.55
CA LYS F 57 15.92 -14.26 19.27
C LYS F 57 15.27 -15.24 18.30
N LYS F 58 14.71 -16.31 18.84
CA LYS F 58 14.08 -17.32 17.98
C LYS F 58 12.74 -16.80 17.47
N MET F 59 12.45 -17.11 16.21
CA MET F 59 11.34 -16.49 15.51
C MET F 59 10.03 -17.19 15.84
N THR F 60 9.00 -16.40 16.10
CA THR F 60 7.64 -16.86 16.32
C THR F 60 6.76 -16.42 15.17
N TYR F 61 5.57 -17.04 15.07
CA TYR F 61 4.62 -16.63 14.04
C TYR F 61 4.15 -15.20 14.26
N GLN F 62 3.83 -14.85 15.51
CA GLN F 62 3.36 -13.51 15.82
C GLN F 62 4.29 -12.44 15.26
N LYS F 63 5.61 -12.69 15.35
CA LYS F 63 6.56 -11.73 14.82
C LYS F 63 6.70 -11.85 13.31
N MET F 64 6.77 -13.08 12.78
CA MET F 64 6.82 -13.24 11.34
C MET F 64 5.59 -12.61 10.67
N ALA F 65 4.41 -12.85 11.24
CA ALA F 65 3.20 -12.23 10.71
C ALA F 65 3.28 -10.71 10.73
N ARG F 66 3.97 -10.16 11.74
CA ARG F 66 4.16 -8.71 11.79
C ARG F 66 4.89 -8.22 10.54
N ALA F 67 5.99 -8.90 10.18
CA ALA F 67 6.70 -8.56 8.97
C ALA F 67 5.82 -8.69 7.73
N LEU F 68 4.76 -9.49 7.80
CA LEU F 68 3.90 -9.70 6.64
C LEU F 68 2.98 -8.50 6.39
N ARG F 69 2.48 -7.88 7.46
CA ARG F 69 1.59 -6.74 7.28
C ARG F 69 2.31 -5.53 6.71
N ASN F 70 3.64 -5.47 6.82
CA ASN F 70 4.39 -4.40 6.19
C ASN F 70 4.34 -4.51 4.68
N TYR F 71 4.28 -5.73 4.15
CA TYR F 71 4.12 -5.92 2.71
C TYR F 71 2.82 -5.31 2.20
N GLY F 72 1.87 -5.03 3.09
CA GLY F 72 0.60 -4.47 2.63
C GLY F 72 0.77 -3.19 1.85
N LYS F 73 1.73 -2.35 2.24
CA LYS F 73 1.91 -1.07 1.57
C LYS F 73 2.64 -1.22 0.24
N THR F 74 3.66 -2.08 0.19
CA THR F 74 4.45 -2.23 -1.03
C THR F 74 3.80 -3.15 -2.04
N GLY F 75 2.81 -3.95 -1.63
CA GLY F 75 1.98 -4.71 -2.54
C GLY F 75 2.38 -6.17 -2.74
N GLU F 76 3.55 -6.58 -2.25
CA GLU F 76 4.02 -7.94 -2.51
C GLU F 76 3.03 -8.98 -2.00
N VAL F 77 2.50 -8.79 -0.79
CA VAL F 77 1.64 -9.80 -0.16
C VAL F 77 0.57 -9.11 0.68
N LYS F 78 -0.69 -9.33 0.32
CA LYS F 78 -1.82 -8.73 1.01
C LYS F 78 -2.55 -9.77 1.86
N LYS F 79 -3.00 -9.34 3.04
CA LYS F 79 -3.78 -10.21 3.91
C LYS F 79 -5.11 -10.57 3.27
N VAL F 80 -5.58 -11.78 3.54
CA VAL F 80 -6.90 -12.23 3.13
C VAL F 80 -7.77 -12.34 4.37
N LYS F 81 -9.07 -12.13 4.18
CA LYS F 81 -10.03 -12.17 5.28
C LYS F 81 -10.50 -13.60 5.54
N LYS F 82 -9.51 -14.44 5.88
CA LYS F 82 -9.73 -15.84 6.21
C LYS F 82 -8.58 -16.27 7.13
N LYS F 83 -8.90 -17.16 8.07
CA LYS F 83 -7.95 -17.51 9.12
C LYS F 83 -6.61 -17.93 8.53
N LEU F 84 -5.55 -17.23 8.93
CA LEU F 84 -4.17 -17.60 8.59
C LEU F 84 -3.98 -17.69 7.07
N THR F 85 -4.54 -16.74 6.33
CA THR F 85 -4.50 -16.75 4.88
C THR F 85 -3.87 -15.46 4.36
N TYR F 86 -3.04 -15.60 3.32
CA TYR F 86 -2.38 -14.47 2.69
C TYR F 86 -2.38 -14.72 1.17
N GLN F 87 -1.95 -13.72 0.42
CA GLN F 87 -1.96 -13.80 -1.04
C GLN F 87 -0.74 -13.12 -1.63
N PHE F 88 -0.03 -13.82 -2.52
CA PHE F 88 1.03 -13.21 -3.29
C PHE F 88 0.47 -12.35 -4.42
N SER F 89 1.16 -11.26 -4.71
CA SER F 89 0.81 -10.44 -5.87
C SER F 89 1.25 -11.12 -7.16
N GLY F 90 0.54 -10.79 -8.25
CA GLY F 90 0.91 -11.35 -9.54
C GLY F 90 2.35 -11.08 -9.91
N GLU F 91 2.87 -9.91 -9.54
CA GLU F 91 4.25 -9.56 -9.85
C GLU F 91 5.23 -10.56 -9.23
N VAL F 92 4.87 -11.12 -8.07
CA VAL F 92 5.74 -12.06 -7.40
C VAL F 92 5.72 -13.43 -8.08
N LEU F 93 4.59 -13.81 -8.66
CA LEU F 93 4.44 -15.13 -9.28
C LEU F 93 4.77 -15.13 -10.77
N GLY F 94 4.19 -14.21 -11.53
CA GLY F 94 4.35 -14.23 -12.97
C GLY F 94 3.76 -12.99 -13.65
N ARG F 95 2.75 -13.22 -14.48
CA ARG F 95 2.03 -12.15 -15.16
C ARG F 95 0.55 -12.52 -15.26
#